data_3MLU
#
_entry.id   3MLU
#
_cell.length_a   42.452
_cell.length_b   43.167
_cell.length_c   57.824
_cell.angle_alpha   89.15
_cell.angle_beta   86.25
_cell.angle_gamma   85.19
#
_symmetry.space_group_name_H-M   'P 1'
#
loop_
_entity.id
_entity.type
_entity.pdbx_description
1 polymer 'Human monoclonal anti-HIV-1 gp120 V3 antibody 2557 Fab light chain'
2 polymer 'Human monoclonal anti-HIV-1 gp120 V3 antibody 2557 Fab heavy chain'
3 polymer 'HIV-1 gp120 third variable region (V3) crown'
4 water water
#
loop_
_entity_poly.entity_id
_entity_poly.type
_entity_poly.pdbx_seq_one_letter_code
_entity_poly.pdbx_strand_id
1 'polypeptide(L)'
;YLLTQPPSVSVSPGQTASISCSGDKLDDKYVSWYYQRPGQSPVLLMYQDFKRPSGIPERLSGSKSGKTATLTISGTQSLD
EGDYYCQAWDASTGVSGGGTKLTVLFGEGTRLTVLAQPKAAPSVTLFPPSSEELQANKATLVCLISDFYPGAVTVAWKAD
SSPVKAGVETTTPSKQSNNKYAASSYLSLTPEQWKSHKSYSCQVTHEGSTVEKTVAPT
;
L
2 'polypeptide(L)'
;EVQLVESGGEVKQPGQSLKISCKSSGYNFLDSWIGWVRQIPGKGLEWIGIIYPDDSDAHYSPSFEGQVTMSVDKSISTAY
LQWTTLQASDTGKYFCTRLYLFEGAQSSNAFDLWGQGTMILVSSGTTKGPSVFPLAPSSKSTSGGTAALGCLVKDYFPEP
VTVSWNSGALTSGVHTFPAVLQSSGLYSLSSVVTVPSSSLGTQTYICNVNHKPSNTKVDKKVEPKS
;
H
3 'polypeptide(L)' NNTRKSIRIGPGQAFYATGGIIG P
#
# COMPACT_ATOMS: atom_id res chain seq x y z
N TYR A 1 -13.13 13.83 16.30
CA TYR A 1 -12.55 12.59 16.79
C TYR A 1 -11.92 11.79 15.68
N LEU A 2 -11.59 10.53 15.98
CA LEU A 2 -10.95 9.63 15.03
C LEU A 2 -11.50 8.20 15.21
N LEU A 3 -11.42 7.40 14.14
CA LEU A 3 -11.81 5.99 14.18
C LEU A 3 -10.61 5.09 14.39
N THR A 4 -10.67 4.21 15.37
CA THR A 4 -9.57 3.31 15.65
C THR A 4 -9.90 1.88 15.22
N GLN A 5 -8.93 1.17 14.66
CA GLN A 5 -9.14 -0.20 14.24
C GLN A 5 -7.90 -1.06 14.48
N PRO A 6 -8.10 -2.37 14.75
CA PRO A 6 -6.97 -3.26 14.95
C PRO A 6 -6.18 -3.27 13.67
N PRO A 7 -4.90 -2.91 13.70
CA PRO A 7 -4.09 -2.89 12.48
C PRO A 7 -4.20 -4.18 11.68
N SER A 8 -4.59 -5.25 12.35
CA SER A 8 -4.67 -6.54 11.69
C SER A 8 -5.49 -7.55 12.50
N VAL A 9 -6.04 -8.53 11.79
CA VAL A 9 -6.89 -9.51 12.40
C VAL A 9 -6.70 -10.87 11.72
N SER A 10 -6.77 -11.93 12.50
CA SER A 10 -6.58 -13.27 11.99
C SER A 10 -7.75 -14.17 12.36
N VAL A 11 -8.24 -14.89 11.36
CA VAL A 11 -9.28 -15.88 11.58
C VAL A 11 -8.88 -17.10 10.78
N SER A 12 -9.04 -18.28 11.36
CA SER A 12 -8.84 -19.51 10.63
C SER A 12 -9.98 -19.71 9.63
N PRO A 13 -9.68 -20.29 8.47
CA PRO A 13 -10.69 -20.47 7.41
C PRO A 13 -12.03 -20.95 7.97
N GLY A 14 -13.10 -20.69 7.24
CA GLY A 14 -14.42 -21.10 7.69
C GLY A 14 -14.89 -20.54 9.02
N GLN A 15 -14.09 -19.70 9.67
CA GLN A 15 -14.44 -19.21 11.00
C GLN A 15 -14.90 -17.76 11.00
N THR A 16 -15.22 -17.25 12.19
CA THR A 16 -15.78 -15.92 12.33
C THR A 16 -14.72 -14.91 12.72
N ALA A 17 -14.46 -13.94 11.86
CA ALA A 17 -13.65 -12.78 12.26
C ALA A 17 -14.55 -11.62 12.70
N SER A 18 -14.18 -10.99 13.81
CA SER A 18 -14.78 -9.73 14.24
C SER A 18 -13.77 -8.62 14.02
N ILE A 19 -14.19 -7.52 13.41
CA ILE A 19 -13.33 -6.34 13.27
C ILE A 19 -14.01 -5.17 13.91
N SER A 20 -13.35 -4.55 14.89
CA SER A 20 -13.96 -3.47 15.66
C SER A 20 -13.64 -2.10 15.08
N CYS A 21 -14.34 -1.10 15.58
CA CYS A 21 -14.07 0.28 15.21
C CYS A 21 -14.54 1.21 16.32
N SER A 22 -13.58 1.92 16.90
CA SER A 22 -13.87 2.76 18.06
C SER A 22 -13.73 4.24 17.75
N GLY A 23 -14.76 5.01 18.06
CA GLY A 23 -14.71 6.45 17.88
C GLY A 23 -15.45 7.15 19.01
N ASP A 24 -15.04 8.38 19.32
CA ASP A 24 -15.64 9.08 20.46
C ASP A 24 -17.08 9.48 20.22
N LYS A 25 -17.48 9.64 18.96
CA LYS A 25 -18.90 9.92 18.65
C LYS A 25 -19.74 8.75 18.11
N LEU A 26 -19.12 7.59 17.87
CA LEU A 26 -19.85 6.51 17.19
C LEU A 26 -21.05 6.01 18.00
N ASP A 27 -21.24 6.58 19.18
CA ASP A 27 -22.40 6.24 19.98
C ASP A 27 -23.67 6.79 19.33
N ASP A 28 -23.49 7.58 18.27
CA ASP A 28 -24.63 8.25 17.67
C ASP A 28 -24.36 8.64 16.22
N LYS A 29 -23.47 7.91 15.58
CA LYS A 29 -23.18 8.14 14.18
C LYS A 29 -23.13 6.89 13.34
N TYR A 30 -23.91 6.88 12.27
CA TYR A 30 -23.96 5.78 11.34
C TYR A 30 -22.57 5.40 10.84
N VAL A 31 -22.19 4.13 11.02
CA VAL A 31 -20.92 3.69 10.47
C VAL A 31 -21.14 2.94 9.13
N SER A 32 -20.09 2.93 8.30
CA SER A 32 -20.06 2.26 7.01
C SER A 32 -18.75 1.50 6.92
N TRP A 33 -18.76 0.35 6.26
CA TRP A 33 -17.57 -0.49 6.15
C TRP A 33 -17.13 -0.67 4.69
N TYR A 34 -15.82 -0.68 4.46
CA TYR A 34 -15.32 -0.83 3.10
C TYR A 34 -14.32 -1.96 2.93
N TYR A 35 -14.28 -2.49 1.71
CA TYR A 35 -13.31 -3.52 1.39
C TYR A 35 -12.27 -2.97 0.41
N GLN A 36 -11.03 -3.44 0.54
CA GLN A 36 -10.03 -3.15 -0.48
C GLN A 36 -8.93 -4.21 -0.66
N ARG A 37 -8.87 -4.78 -1.85
CA ARG A 37 -7.75 -5.65 -2.20
C ARG A 37 -6.62 -4.78 -2.68
N PRO A 38 -5.39 -5.11 -2.27
CA PRO A 38 -4.18 -4.50 -2.82
C PRO A 38 -4.33 -4.25 -4.31
N GLY A 39 -4.15 -2.99 -4.70
CA GLY A 39 -4.16 -2.58 -6.09
C GLY A 39 -5.54 -2.17 -6.54
N GLN A 40 -6.56 -2.81 -5.97
CA GLN A 40 -7.96 -2.58 -6.36
C GLN A 40 -8.61 -1.42 -5.62
N SER A 41 -9.86 -1.14 -5.94
CA SER A 41 -10.58 -0.01 -5.39
C SER A 41 -11.53 -0.40 -4.25
N PRO A 42 -11.77 0.52 -3.31
CA PRO A 42 -12.61 0.32 -2.11
C PRO A 42 -14.03 -0.11 -2.46
N VAL A 43 -14.56 -1.03 -1.67
CA VAL A 43 -15.91 -1.52 -1.90
C VAL A 43 -16.77 -1.26 -0.68
N LEU A 44 -17.93 -0.64 -0.88
CA LEU A 44 -18.91 -0.52 0.19
C LEU A 44 -19.39 -1.91 0.62
N LEU A 45 -19.49 -2.12 1.93
CA LEU A 45 -19.87 -3.40 2.49
C LEU A 45 -21.10 -3.26 3.35
N MET A 46 -21.26 -2.06 3.89
CA MET A 46 -22.11 -1.86 5.05
C MET A 46 -22.27 -0.37 5.20
N TYR A 47 -23.47 0.04 5.57
CA TYR A 47 -23.78 1.46 5.70
C TYR A 47 -24.95 1.59 6.66
N GLN A 48 -25.02 2.71 7.37
CA GLN A 48 -26.04 2.89 8.38
C GLN A 48 -25.93 1.74 9.35
N ASP A 49 -24.77 1.61 9.99
CA ASP A 49 -24.54 0.61 11.05
C ASP A 49 -24.64 -0.83 10.62
N PHE A 50 -25.70 -1.21 9.93
CA PHE A 50 -25.94 -2.61 9.61
C PHE A 50 -26.38 -2.93 8.15
N LYS A 51 -26.72 -1.90 7.38
CA LYS A 51 -27.39 -2.14 6.10
C LYS A 51 -26.44 -2.66 5.05
N ARG A 52 -26.63 -3.91 4.66
CA ARG A 52 -25.87 -4.44 3.55
C ARG A 52 -26.38 -3.84 2.25
N PRO A 53 -25.49 -3.23 1.48
CA PRO A 53 -25.81 -2.79 0.12
C PRO A 53 -25.97 -4.04 -0.72
N SER A 54 -26.73 -3.94 -1.80
CA SER A 54 -27.05 -5.09 -2.62
C SER A 54 -25.81 -5.77 -3.19
N GLY A 55 -25.84 -7.10 -3.27
CA GLY A 55 -24.74 -7.87 -3.82
C GLY A 55 -23.70 -8.32 -2.79
N ILE A 56 -23.93 -7.92 -1.55
CA ILE A 56 -23.04 -8.20 -0.43
C ILE A 56 -23.73 -9.24 0.42
N PRO A 57 -23.05 -10.39 0.64
CA PRO A 57 -23.56 -11.67 1.19
C PRO A 57 -24.09 -11.55 2.60
N GLU A 58 -25.07 -12.37 2.96
CA GLU A 58 -25.62 -12.32 4.31
C GLU A 58 -24.56 -12.68 5.39
N ARG A 59 -23.52 -13.42 4.98
CA ARG A 59 -22.51 -13.86 5.96
C ARG A 59 -21.75 -12.69 6.60
N LEU A 60 -21.72 -11.56 5.90
CA LEU A 60 -21.19 -10.35 6.49
C LEU A 60 -22.27 -9.61 7.30
N SER A 61 -21.96 -9.23 8.52
CA SER A 61 -22.97 -8.55 9.34
C SER A 61 -22.36 -7.36 10.08
N GLY A 62 -23.19 -6.38 10.41
CA GLY A 62 -22.70 -5.13 10.94
C GLY A 62 -23.48 -4.70 12.14
N SER A 63 -22.78 -4.37 13.21
CA SER A 63 -23.43 -4.00 14.46
C SER A 63 -22.65 -2.85 15.06
N LYS A 64 -23.25 -2.20 16.07
CA LYS A 64 -22.57 -1.13 16.77
C LYS A 64 -23.12 -0.94 18.17
N SER A 65 -22.31 -1.30 19.16
CA SER A 65 -22.68 -1.04 20.56
C SER A 65 -21.83 0.05 21.20
N GLY A 66 -22.47 1.08 21.72
CA GLY A 66 -21.73 2.15 22.36
C GLY A 66 -20.98 2.96 21.34
N LYS A 67 -19.74 3.28 21.62
CA LYS A 67 -18.93 4.06 20.70
C LYS A 67 -18.10 3.12 19.84
N THR A 68 -18.51 1.85 19.82
CA THR A 68 -17.80 0.78 19.14
C THR A 68 -18.71 0.17 18.09
N ALA A 69 -18.22 0.06 16.85
CA ALA A 69 -19.01 -0.61 15.82
C ALA A 69 -18.24 -1.83 15.38
N THR A 70 -18.95 -2.89 15.04
CA THR A 70 -18.26 -4.11 14.65
C THR A 70 -18.67 -4.61 13.29
N LEU A 71 -17.66 -4.98 12.51
CA LEU A 71 -17.87 -5.71 11.29
C LEU A 71 -17.70 -7.17 11.69
N THR A 72 -18.67 -8.01 11.36
CA THR A 72 -18.55 -9.44 11.58
C THR A 72 -18.62 -10.14 10.24
N ILE A 73 -17.73 -11.10 10.04
CA ILE A 73 -17.76 -11.94 8.87
C ILE A 73 -17.81 -13.37 9.34
N SER A 74 -18.90 -14.08 9.09
CA SER A 74 -18.85 -15.52 9.29
C SER A 74 -18.41 -16.24 7.99
N GLY A 75 -18.15 -17.55 8.09
CA GLY A 75 -17.76 -18.35 6.95
C GLY A 75 -16.58 -17.80 6.16
N THR A 76 -15.52 -17.44 6.87
CA THR A 76 -14.40 -16.74 6.23
C THR A 76 -13.65 -17.58 5.21
N GLN A 77 -13.08 -16.90 4.23
CA GLN A 77 -12.42 -17.55 3.11
C GLN A 77 -11.27 -16.68 2.59
N SER A 78 -10.28 -17.33 1.95
CA SER A 78 -9.18 -16.61 1.31
C SER A 78 -9.67 -15.38 0.56
N LEU A 79 -10.85 -15.51 -0.04
CA LEU A 79 -11.46 -14.43 -0.82
C LEU A 79 -11.83 -13.21 0.04
N ASP A 80 -11.59 -13.28 1.34
CA ASP A 80 -11.97 -12.20 2.22
C ASP A 80 -10.75 -11.37 2.65
N GLU A 81 -9.57 -11.84 2.31
CA GLU A 81 -8.34 -11.14 2.71
C GLU A 81 -8.20 -9.78 2.05
N GLY A 82 -7.97 -8.77 2.87
CA GLY A 82 -7.74 -7.43 2.39
C GLY A 82 -7.92 -6.52 3.57
N ASP A 83 -8.12 -5.23 3.29
CA ASP A 83 -8.27 -4.26 4.35
C ASP A 83 -9.73 -3.87 4.47
N TYR A 84 -10.11 -3.39 5.66
CA TYR A 84 -11.50 -3.04 5.96
C TYR A 84 -11.52 -1.75 6.78
N TYR A 85 -12.31 -0.77 6.35
CA TYR A 85 -12.29 0.59 6.93
C TYR A 85 -13.64 0.98 7.40
N CYS A 86 -13.71 1.46 8.62
CA CYS A 86 -14.94 2.07 9.08
C CYS A 86 -14.88 3.56 8.75
N GLN A 87 -16.03 4.12 8.42
CA GLN A 87 -16.10 5.53 8.15
C GLN A 87 -17.32 6.03 8.88
N ALA A 88 -17.37 7.35 9.04
CA ALA A 88 -18.50 8.00 9.68
C ALA A 88 -18.35 9.46 9.34
N TRP A 89 -19.14 10.32 9.97
CA TRP A 89 -19.06 11.72 9.67
C TRP A 89 -18.82 12.57 10.91
N ASP A 90 -19.17 13.84 10.78
CA ASP A 90 -19.05 14.79 11.84
C ASP A 90 -19.53 16.11 11.26
N ALA A 91 -20.39 16.79 11.99
CA ALA A 91 -20.81 18.11 11.58
C ALA A 91 -20.48 19.08 12.69
N SER A 92 -20.68 20.36 12.39
CA SER A 92 -20.55 21.41 13.40
C SER A 92 -20.83 22.75 12.75
N THR A 93 -21.94 23.35 13.15
CA THR A 93 -22.20 24.71 12.79
C THR A 93 -21.08 25.53 13.38
N GLY A 94 -20.67 26.57 12.68
CA GLY A 94 -19.68 27.48 13.24
C GLY A 94 -20.32 28.29 14.34
N VAL A 95 -19.58 28.56 15.40
CA VAL A 95 -20.05 29.46 16.46
C VAL A 95 -20.22 30.90 15.93
N SER A 96 -19.37 31.28 14.99
CA SER A 96 -19.58 32.53 14.25
C SER A 96 -20.67 32.32 13.21
N GLY A 97 -21.25 31.13 13.20
CA GLY A 97 -22.17 30.75 12.14
C GLY A 97 -21.39 30.48 10.87
N GLY A 98 -21.96 30.79 9.72
CA GLY A 98 -21.30 30.50 8.47
C GLY A 98 -21.55 29.06 8.06
N GLY A 99 -22.64 28.49 8.56
CA GLY A 99 -23.12 27.22 8.06
C GLY A 99 -22.84 26.02 8.94
N THR A 100 -22.72 24.85 8.31
CA THR A 100 -22.43 23.62 9.02
C THR A 100 -21.29 22.93 8.31
N LYS A 101 -20.25 22.59 9.07
CA LYS A 101 -19.05 21.96 8.53
C LYS A 101 -19.12 20.42 8.59
N LEU A 102 -18.99 19.77 7.43
CA LEU A 102 -19.03 18.30 7.34
C LEU A 102 -17.64 17.67 7.19
N THR A 103 -17.44 16.56 7.89
CA THR A 103 -16.19 15.83 7.82
C THR A 103 -16.38 14.32 7.76
N VAL A 104 -15.64 13.69 6.85
CA VAL A 104 -15.71 12.26 6.64
C VAL A 104 -14.46 11.67 7.21
N LEU A 105 -14.59 10.94 8.31
CA LEU A 105 -13.44 10.26 8.87
C LEU A 105 -13.46 8.75 8.54
N PHE A 106 -12.28 8.23 8.24
CA PHE A 106 -12.04 6.81 8.04
C PHE A 106 -11.17 6.27 9.14
N GLY A 107 -11.43 5.03 9.55
CA GLY A 107 -10.50 4.25 10.35
C GLY A 107 -9.24 4.09 9.55
N GLU A 108 -8.17 3.61 10.18
CA GLU A 108 -6.92 3.36 9.44
C GLU A 108 -6.94 1.97 8.79
N GLY A 109 -7.79 1.09 9.28
CA GLY A 109 -7.95 -0.18 8.61
C GLY A 109 -7.40 -1.41 9.31
N THR A 110 -7.87 -2.56 8.84
CA THR A 110 -7.57 -3.86 9.40
C THR A 110 -7.23 -4.85 8.28
N ARG A 111 -5.97 -5.22 8.16
CA ARG A 111 -5.61 -6.26 7.24
C ARG A 111 -6.17 -7.53 7.84
N LEU A 112 -7.08 -8.18 7.13
CA LEU A 112 -7.59 -9.46 7.59
C LEU A 112 -6.74 -10.58 7.02
N THR A 113 -6.10 -11.33 7.91
CA THR A 113 -5.42 -12.53 7.48
C THR A 113 -6.25 -13.77 7.78
N VAL A 114 -6.52 -14.53 6.72
CA VAL A 114 -7.18 -15.83 6.82
C VAL A 114 -6.12 -16.94 6.79
N LEU A 115 -5.94 -17.59 7.94
CA LEU A 115 -4.86 -18.55 8.16
C LEU A 115 -5.00 -19.86 7.40
N ALA A 116 -4.75 -19.79 6.09
CA ALA A 116 -4.95 -20.90 5.18
C ALA A 116 -3.90 -22.03 5.24
N GLN A 117 -2.77 -21.78 5.88
CA GLN A 117 -1.74 -22.82 5.99
C GLN A 117 -0.98 -22.79 7.31
N PRO A 118 -0.16 -23.80 7.55
CA PRO A 118 0.50 -23.79 8.86
C PRO A 118 1.57 -22.71 8.99
N LYS A 119 1.59 -22.11 10.19
CA LYS A 119 2.72 -21.36 10.69
C LYS A 119 4.03 -21.91 10.13
N ALA A 120 4.75 -21.09 9.37
CA ALA A 120 6.09 -21.46 8.87
C ALA A 120 7.16 -20.45 9.29
N ALA A 121 8.42 -20.86 9.19
CA ALA A 121 9.53 -20.03 9.65
C ALA A 121 10.29 -19.42 8.49
N PRO A 122 10.67 -18.14 8.63
CA PRO A 122 11.38 -17.39 7.59
C PRO A 122 12.64 -18.10 7.11
N SER A 123 12.81 -18.20 5.78
CA SER A 123 14.14 -18.40 5.23
C SER A 123 14.82 -17.03 5.08
N VAL A 124 15.98 -16.90 5.71
CA VAL A 124 16.76 -15.68 5.55
C VAL A 124 18.02 -15.94 4.73
N THR A 125 18.16 -15.19 3.63
CA THR A 125 19.39 -15.20 2.85
C THR A 125 20.00 -13.81 2.92
N LEU A 126 21.09 -13.70 3.66
CA LEU A 126 21.79 -12.43 3.76
C LEU A 126 23.01 -12.43 2.84
N PHE A 127 23.12 -11.39 2.01
CA PHE A 127 24.27 -11.20 1.13
C PHE A 127 25.13 -10.01 1.56
N PRO A 128 26.46 -10.15 1.38
CA PRO A 128 27.41 -9.03 1.56
C PRO A 128 27.58 -8.23 0.29
N PRO A 129 28.08 -6.99 0.43
CA PRO A 129 28.54 -6.22 -0.73
C PRO A 129 29.37 -7.10 -1.63
N SER A 130 29.13 -6.98 -2.92
CA SER A 130 29.88 -7.63 -3.97
C SER A 130 31.15 -6.85 -4.30
N SER A 131 32.12 -7.54 -4.92
CA SER A 131 33.29 -6.85 -5.46
C SER A 131 32.90 -5.69 -6.35
N GLU A 132 31.90 -5.91 -7.21
CA GLU A 132 31.51 -4.89 -8.18
C GLU A 132 31.05 -3.64 -7.46
N GLU A 133 30.16 -3.82 -6.51
CA GLU A 133 29.62 -2.66 -5.84
C GLU A 133 30.71 -1.97 -5.05
N LEU A 134 31.57 -2.77 -4.41
CA LEU A 134 32.68 -2.26 -3.62
C LEU A 134 33.66 -1.48 -4.47
N GLN A 135 33.97 -2.05 -5.64
CA GLN A 135 34.75 -1.39 -6.65
C GLN A 135 34.02 -0.10 -7.08
N ALA A 136 32.70 -0.10 -7.02
CA ALA A 136 31.94 1.10 -7.33
C ALA A 136 31.77 2.06 -6.14
N ASN A 137 32.58 1.90 -5.10
CA ASN A 137 32.54 2.77 -3.92
C ASN A 137 31.21 2.78 -3.17
N LYS A 138 30.38 1.77 -3.42
CA LYS A 138 29.16 1.61 -2.66
C LYS A 138 29.23 0.27 -1.96
N ALA A 139 28.35 0.07 -0.98
CA ALA A 139 28.28 -1.20 -0.27
C ALA A 139 26.85 -1.45 0.14
N THR A 140 26.33 -2.63 -0.15
CA THR A 140 24.95 -2.90 0.21
C THR A 140 24.76 -4.28 0.80
N LEU A 141 24.08 -4.34 1.96
CA LEU A 141 23.75 -5.61 2.59
C LEU A 141 22.34 -5.97 2.20
N VAL A 142 22.16 -7.21 1.76
CA VAL A 142 20.89 -7.63 1.22
C VAL A 142 20.24 -8.77 2.01
N CYS A 143 19.29 -8.43 2.87
CA CYS A 143 18.62 -9.46 3.63
C CYS A 143 17.36 -9.95 2.91
N LEU A 144 17.43 -11.18 2.41
CA LEU A 144 16.26 -11.76 1.78
C LEU A 144 15.53 -12.66 2.78
N ILE A 145 14.35 -12.21 3.25
CA ILE A 145 13.48 -13.02 4.09
C ILE A 145 12.35 -13.66 3.28
N SER A 146 12.37 -14.97 3.13
CA SER A 146 11.34 -15.63 2.34
C SER A 146 10.69 -16.83 3.04
N ASP A 147 9.40 -17.03 2.75
CA ASP A 147 8.69 -18.25 3.16
C ASP A 147 8.17 -18.25 4.59
N PHE A 148 7.62 -17.15 5.05
CA PHE A 148 7.10 -17.16 6.40
C PHE A 148 5.60 -17.09 6.44
N TYR A 149 5.01 -17.90 7.31
CA TYR A 149 3.59 -17.82 7.52
C TYR A 149 3.30 -17.75 9.01
N PRO A 150 2.46 -16.79 9.41
CA PRO A 150 1.83 -15.85 8.48
C PRO A 150 2.75 -14.75 7.92
N GLY A 151 2.35 -13.49 8.06
CA GLY A 151 2.97 -12.42 7.29
C GLY A 151 3.32 -11.15 8.02
N ALA A 152 4.13 -11.29 9.05
CA ALA A 152 4.65 -10.15 9.79
C ALA A 152 6.11 -10.42 10.08
N VAL A 153 6.93 -9.37 10.09
CA VAL A 153 8.31 -9.49 10.57
C VAL A 153 8.88 -8.13 10.99
N THR A 154 9.43 -8.07 12.20
CA THR A 154 10.30 -6.97 12.56
C THR A 154 11.69 -7.34 12.08
N VAL A 155 12.38 -6.38 11.47
CA VAL A 155 13.75 -6.61 11.04
C VAL A 155 14.70 -5.66 11.77
N ALA A 156 15.95 -6.09 11.92
CA ALA A 156 16.92 -5.31 12.66
C ALA A 156 18.36 -5.65 12.21
N TRP A 157 19.26 -4.68 12.31
CA TRP A 157 20.62 -4.84 11.84
C TRP A 157 21.60 -4.60 12.96
N LYS A 158 22.49 -5.55 13.18
CA LYS A 158 23.55 -5.35 14.13
C LYS A 158 24.79 -4.89 13.39
N ALA A 159 25.33 -3.74 13.82
CA ALA A 159 26.63 -3.29 13.34
C ALA A 159 27.63 -3.78 14.38
N ASP A 160 28.27 -4.91 14.09
CA ASP A 160 28.88 -5.70 15.15
C ASP A 160 27.79 -6.20 16.09
N SER A 161 27.71 -5.65 17.31
CA SER A 161 26.68 -6.11 18.26
C SER A 161 25.48 -5.19 18.44
N SER A 162 25.71 -3.89 18.34
CA SER A 162 24.66 -2.91 18.58
C SER A 162 23.70 -2.82 17.41
N PRO A 163 22.46 -2.41 17.67
CA PRO A 163 21.62 -2.17 16.51
C PRO A 163 22.19 -1.01 15.67
N VAL A 164 21.83 -0.99 14.39
CA VAL A 164 22.11 0.16 13.56
C VAL A 164 20.78 0.46 12.93
N LYS A 165 20.38 1.73 12.93
CA LYS A 165 19.13 2.12 12.30
C LYS A 165 19.33 3.21 11.26
N ALA A 166 20.57 3.37 10.80
CA ALA A 166 20.84 4.31 9.73
C ALA A 166 21.05 3.61 8.38
N GLY A 167 20.34 4.11 7.37
CA GLY A 167 20.47 3.61 6.02
C GLY A 167 19.73 2.30 5.82
N VAL A 168 18.69 2.08 6.63
CA VAL A 168 17.90 0.87 6.52
C VAL A 168 16.58 1.11 5.78
N GLU A 169 16.31 0.25 4.79
CA GLU A 169 15.05 0.28 4.05
C GLU A 169 14.50 -1.13 3.88
N THR A 170 13.30 -1.37 4.38
CA THR A 170 12.69 -2.68 4.27
C THR A 170 11.40 -2.59 3.46
N THR A 171 10.97 -3.73 2.92
CA THR A 171 9.76 -3.76 2.13
C THR A 171 8.67 -4.37 2.97
N THR A 172 7.48 -3.77 2.87
CA THR A 172 6.29 -4.34 3.48
C THR A 172 5.97 -5.63 2.73
N PRO A 173 5.68 -6.72 3.47
CA PRO A 173 5.62 -8.10 2.97
C PRO A 173 4.76 -8.29 1.72
N SER A 174 5.02 -9.38 1.01
CA SER A 174 4.36 -9.67 -0.26
C SER A 174 4.20 -11.17 -0.41
N LYS A 175 3.09 -11.62 -0.96
CA LYS A 175 2.90 -13.06 -1.12
C LYS A 175 3.76 -13.63 -2.24
N GLN A 176 3.72 -14.94 -2.39
CA GLN A 176 4.54 -15.60 -3.37
C GLN A 176 3.66 -16.52 -4.20
N SER A 177 4.25 -17.09 -5.25
CA SER A 177 3.53 -18.04 -6.10
C SER A 177 3.35 -19.38 -5.40
N ASN A 178 3.74 -19.41 -4.12
CA ASN A 178 3.51 -20.57 -3.27
C ASN A 178 2.42 -20.26 -2.24
N ASN A 179 2.41 -19.00 -1.78
CA ASN A 179 1.37 -18.43 -0.90
C ASN A 179 1.82 -18.12 0.54
N LYS A 180 3.11 -18.28 0.81
CA LYS A 180 3.68 -17.73 2.02
C LYS A 180 4.03 -16.26 1.76
N TYR A 181 4.93 -15.70 2.56
CA TYR A 181 5.20 -14.27 2.46
C TYR A 181 6.67 -14.00 2.20
N ALA A 182 6.95 -12.79 1.76
CA ALA A 182 8.30 -12.40 1.42
C ALA A 182 8.51 -10.88 1.45
N ALA A 183 9.63 -10.49 2.04
CA ALA A 183 10.03 -9.10 2.09
C ALA A 183 11.53 -9.05 1.93
N SER A 184 12.06 -7.86 1.74
CA SER A 184 13.48 -7.68 1.62
C SER A 184 13.85 -6.57 2.56
N SER A 185 15.11 -6.55 2.97
CA SER A 185 15.64 -5.45 3.77
C SER A 185 17.05 -5.13 3.26
N TYR A 186 17.46 -3.89 3.45
CA TYR A 186 18.76 -3.46 2.96
C TYR A 186 19.41 -2.54 3.95
N LEU A 187 20.73 -2.65 4.06
CA LEU A 187 21.54 -1.67 4.79
C LEU A 187 22.56 -1.04 3.85
N SER A 188 22.52 0.27 3.76
CA SER A 188 23.53 0.97 3.00
C SER A 188 24.67 1.31 3.96
N LEU A 189 25.89 1.24 3.46
CA LEU A 189 27.07 1.62 4.21
C LEU A 189 28.08 2.09 3.22
N THR A 190 29.18 2.60 3.73
CA THR A 190 30.32 2.93 2.89
C THR A 190 31.18 1.68 2.86
N PRO A 191 32.06 1.56 1.85
CA PRO A 191 33.02 0.43 1.84
C PRO A 191 33.96 0.50 3.05
N GLU A 192 34.03 1.69 3.65
CA GLU A 192 34.67 1.86 4.93
C GLU A 192 33.92 1.08 5.99
N GLN A 193 32.77 1.59 6.39
CA GLN A 193 31.94 0.94 7.40
C GLN A 193 32.04 -0.58 7.31
N TRP A 194 31.77 -1.12 6.13
CA TRP A 194 31.84 -2.54 5.94
C TRP A 194 33.20 -3.08 6.41
N LYS A 195 34.24 -2.65 5.72
CA LYS A 195 35.63 -3.06 5.99
C LYS A 195 36.05 -3.13 7.45
N SER A 196 35.71 -2.11 8.23
CA SER A 196 36.14 -1.95 9.62
C SER A 196 35.39 -2.81 10.66
N HIS A 197 34.06 -2.80 10.62
CA HIS A 197 33.30 -3.72 11.47
C HIS A 197 33.70 -5.18 11.32
N LYS A 198 33.53 -5.94 12.40
CA LYS A 198 33.90 -7.36 12.42
C LYS A 198 32.83 -8.15 11.69
N SER A 199 31.59 -7.72 11.85
CA SER A 199 30.47 -8.30 11.13
C SER A 199 29.26 -7.39 11.11
N TYR A 200 28.30 -7.75 10.28
CA TYR A 200 27.00 -7.13 10.30
C TYR A 200 26.01 -8.28 10.29
N SER A 201 24.81 -8.04 10.80
CA SER A 201 23.80 -9.09 10.88
C SER A 201 22.41 -8.59 10.57
N CYS A 202 21.62 -9.47 9.99
CA CYS A 202 20.20 -9.23 9.74
C CYS A 202 19.40 -10.03 10.75
N GLN A 203 18.53 -9.33 11.47
CA GLN A 203 17.79 -9.88 12.60
C GLN A 203 16.27 -9.90 12.36
N VAL A 204 15.76 -10.97 11.75
CA VAL A 204 14.31 -11.16 11.61
C VAL A 204 13.62 -11.72 12.85
N THR A 205 12.46 -11.16 13.17
CA THR A 205 11.65 -11.59 14.31
C THR A 205 10.22 -11.85 13.87
N HIS A 206 9.84 -13.12 13.81
CA HIS A 206 8.53 -13.53 13.30
C HIS A 206 7.76 -14.33 14.33
N GLU A 207 6.55 -13.88 14.67
CA GLU A 207 5.65 -14.62 15.57
C GLU A 207 6.33 -15.10 16.85
N GLY A 208 6.73 -14.16 17.70
CA GLY A 208 7.27 -14.45 19.02
C GLY A 208 8.63 -15.15 19.08
N SER A 209 9.33 -15.19 17.94
CA SER A 209 10.66 -15.81 17.82
C SER A 209 11.59 -14.95 16.96
N THR A 210 12.89 -15.10 17.17
CA THR A 210 13.86 -14.31 16.41
C THR A 210 14.91 -15.17 15.67
N VAL A 211 15.36 -14.69 14.52
CA VAL A 211 16.42 -15.39 13.80
C VAL A 211 17.37 -14.47 13.03
N GLU A 212 18.65 -14.55 13.35
CA GLU A 212 19.60 -13.68 12.67
C GLU A 212 20.62 -14.41 11.79
N LYS A 213 21.08 -13.69 10.77
CA LYS A 213 22.14 -14.17 9.88
C LYS A 213 23.26 -13.17 9.98
N THR A 214 24.45 -13.56 9.51
CA THR A 214 25.64 -12.74 9.71
C THR A 214 26.61 -12.77 8.53
N VAL A 215 27.38 -11.70 8.39
CA VAL A 215 28.42 -11.63 7.37
C VAL A 215 29.61 -10.84 7.87
N ALA A 216 30.78 -11.13 7.31
CA ALA A 216 31.97 -10.35 7.59
C ALA A 216 32.72 -10.15 6.28
N PRO A 217 33.53 -9.10 6.21
CA PRO A 217 34.37 -8.86 5.01
C PRO A 217 35.25 -10.07 4.68
N THR A 218 35.29 -10.49 3.42
CA THR A 218 36.13 -11.61 2.97
C THR A 218 37.56 -11.51 3.50
N GLU B 1 -22.46 1.78 -18.31
CA GLU B 1 -22.73 1.31 -16.94
C GLU B 1 -22.60 2.46 -15.93
N VAL B 2 -22.86 2.17 -14.65
CA VAL B 2 -22.50 3.14 -13.63
C VAL B 2 -21.01 2.99 -13.28
N GLN B 3 -20.24 4.01 -13.61
CA GLN B 3 -18.81 3.98 -13.36
C GLN B 3 -18.23 5.36 -13.36
N LEU B 4 -17.19 5.53 -12.54
CA LEU B 4 -16.34 6.71 -12.56
C LEU B 4 -15.01 6.31 -13.20
N VAL B 5 -14.53 7.13 -14.12
CA VAL B 5 -13.30 6.81 -14.84
C VAL B 5 -12.35 7.97 -14.63
N GLU B 6 -11.10 7.65 -14.28
CA GLU B 6 -10.13 8.64 -13.83
C GLU B 6 -8.89 8.74 -14.70
N SER B 7 -8.25 9.91 -14.67
CA SER B 7 -7.05 10.16 -15.45
C SER B 7 -5.92 9.24 -15.00
N GLY B 8 -4.88 9.10 -15.84
CA GLY B 8 -3.82 8.16 -15.58
C GLY B 8 -2.80 8.64 -14.57
N GLY B 9 -1.89 7.76 -14.17
CA GLY B 9 -0.91 8.07 -13.15
C GLY B 9 0.22 8.95 -13.61
N GLU B 10 0.54 9.95 -12.79
CA GLU B 10 1.48 11.00 -13.16
C GLU B 10 2.67 10.97 -12.24
N VAL B 11 3.85 11.22 -12.78
CA VAL B 11 5.01 11.51 -11.95
C VAL B 11 5.40 13.00 -12.00
N LYS B 12 5.06 13.72 -10.93
CA LYS B 12 5.23 15.17 -10.86
C LYS B 12 6.37 15.57 -9.94
N GLN B 13 6.85 16.81 -10.11
CA GLN B 13 7.92 17.32 -9.26
C GLN B 13 7.36 18.19 -8.14
N PRO B 14 8.05 18.23 -7.00
CA PRO B 14 7.59 19.16 -5.96
C PRO B 14 7.45 20.53 -6.58
N GLY B 15 6.36 21.20 -6.29
CA GLY B 15 6.17 22.56 -6.78
C GLY B 15 5.51 22.68 -8.15
N GLN B 16 5.35 21.57 -8.85
CA GLN B 16 4.61 21.59 -10.09
C GLN B 16 3.14 21.68 -9.71
N SER B 17 2.31 22.26 -10.58
CA SER B 17 0.88 22.23 -10.31
C SER B 17 0.31 20.89 -10.77
N LEU B 18 -0.99 20.67 -10.58
CA LEU B 18 -1.59 19.41 -10.96
C LEU B 18 -3.10 19.44 -10.94
N LYS B 19 -3.73 18.73 -11.87
CA LYS B 19 -5.18 18.67 -11.92
C LYS B 19 -5.66 17.31 -12.40
N ILE B 20 -6.45 16.60 -11.60
CA ILE B 20 -6.88 15.28 -12.04
C ILE B 20 -8.37 15.17 -12.25
N SER B 21 -8.76 14.22 -13.09
CA SER B 21 -10.11 14.17 -13.64
C SER B 21 -10.83 12.87 -13.30
N CYS B 22 -12.11 13.03 -12.97
CA CYS B 22 -12.98 11.91 -12.67
C CYS B 22 -14.26 12.10 -13.48
N LYS B 23 -14.37 11.43 -14.64
CA LYS B 23 -15.60 11.41 -15.44
C LYS B 23 -16.66 10.41 -14.94
N SER B 24 -17.92 10.83 -14.94
CA SER B 24 -19.02 10.10 -14.30
C SER B 24 -20.12 9.70 -15.27
N SER B 25 -20.76 8.55 -15.05
CA SER B 25 -21.76 8.07 -15.99
C SER B 25 -22.63 6.94 -15.44
N GLY B 26 -23.90 6.97 -15.83
CA GLY B 26 -24.87 5.97 -15.42
C GLY B 26 -25.94 6.55 -14.52
N TYR B 27 -25.72 7.77 -14.06
CA TYR B 27 -26.68 8.40 -13.17
C TYR B 27 -26.70 9.88 -13.37
N ASN B 28 -27.51 10.58 -12.59
CA ASN B 28 -27.51 12.02 -12.66
C ASN B 28 -26.33 12.60 -11.88
N PHE B 29 -25.37 13.08 -12.65
CA PHE B 29 -24.09 13.55 -12.15
C PHE B 29 -24.22 14.67 -11.09
N LEU B 30 -25.32 15.42 -11.14
CA LEU B 30 -25.44 16.61 -10.32
C LEU B 30 -26.17 16.34 -9.02
N ASP B 31 -26.87 15.22 -8.97
CA ASP B 31 -27.78 14.96 -7.87
C ASP B 31 -27.09 14.21 -6.75
N SER B 32 -26.01 13.51 -7.10
CA SER B 32 -25.20 12.79 -6.11
C SER B 32 -23.85 13.48 -5.88
N TRP B 33 -23.54 13.77 -4.63
CA TRP B 33 -22.23 14.30 -4.25
C TRP B 33 -21.06 13.45 -4.75
N ILE B 34 -19.93 14.11 -4.99
CA ILE B 34 -18.70 13.43 -5.40
C ILE B 34 -17.63 13.49 -4.32
N GLY B 35 -16.85 12.43 -4.17
CA GLY B 35 -15.82 12.38 -3.14
C GLY B 35 -14.40 12.12 -3.62
N TRP B 36 -13.44 12.48 -2.76
CA TRP B 36 -12.01 12.35 -3.05
C TRP B 36 -11.30 11.79 -1.84
N VAL B 37 -10.87 10.54 -1.95
CA VAL B 37 -10.16 9.86 -0.88
C VAL B 37 -8.76 9.49 -1.37
N ARG B 38 -7.81 9.50 -0.45
CA ARG B 38 -6.42 9.25 -0.76
C ARG B 38 -6.01 7.90 -0.19
N GLN B 39 -5.13 7.20 -0.88
CA GLN B 39 -4.54 5.96 -0.39
C GLN B 39 -3.03 6.18 -0.31
N ILE B 40 -2.52 6.35 0.90
CA ILE B 40 -1.08 6.40 1.09
C ILE B 40 -0.64 4.98 1.39
N PRO B 41 -0.54 4.15 0.33
CA PRO B 41 -0.60 2.68 0.37
C PRO B 41 0.36 2.01 1.36
N GLY B 42 -0.20 1.12 2.18
CA GLY B 42 0.48 0.61 3.36
C GLY B 42 -0.06 1.39 4.55
N LYS B 43 -0.33 2.67 4.30
CA LYS B 43 -1.04 3.55 5.25
C LYS B 43 -2.55 3.51 5.00
N GLY B 44 -3.30 4.34 5.71
CA GLY B 44 -4.74 4.28 5.68
C GLY B 44 -5.39 4.91 4.46
N LEU B 45 -6.72 5.07 4.55
CA LEU B 45 -7.46 5.91 3.62
C LEU B 45 -7.60 7.30 4.24
N GLU B 46 -7.63 8.33 3.42
CA GLU B 46 -7.59 9.70 3.91
C GLU B 46 -8.53 10.57 3.11
N TRP B 47 -9.66 10.91 3.72
CA TRP B 47 -10.69 11.66 3.02
C TRP B 47 -10.24 13.10 2.75
N ILE B 48 -10.58 13.61 1.57
CA ILE B 48 -10.11 14.93 1.16
C ILE B 48 -11.21 15.98 1.12
N GLY B 49 -12.28 15.69 0.37
CA GLY B 49 -13.43 16.59 0.37
C GLY B 49 -14.62 16.17 -0.47
N ILE B 50 -15.78 16.76 -0.21
CA ILE B 50 -16.96 16.56 -1.06
C ILE B 50 -17.43 17.84 -1.74
N ILE B 51 -18.10 17.65 -2.88
CA ILE B 51 -18.68 18.72 -3.69
C ILE B 51 -19.95 18.22 -4.39
N TYR B 52 -20.92 19.11 -4.56
CA TYR B 52 -22.18 18.74 -5.15
C TYR B 52 -22.15 19.34 -6.53
N PRO B 53 -22.09 18.49 -7.56
CA PRO B 53 -21.82 18.94 -8.93
C PRO B 53 -22.85 19.94 -9.46
N ASP B 54 -24.00 20.00 -8.80
CA ASP B 54 -25.07 20.89 -9.22
C ASP B 54 -24.74 22.35 -8.90
N ASP B 55 -24.19 22.57 -7.71
CA ASP B 55 -23.94 23.93 -7.22
C ASP B 55 -22.50 24.13 -6.75
N SER B 56 -21.79 23.02 -6.60
CA SER B 56 -20.39 23.05 -6.19
C SER B 56 -20.19 23.45 -4.73
N ASP B 57 -21.22 23.25 -3.90
CA ASP B 57 -21.02 23.38 -2.47
C ASP B 57 -20.00 22.31 -2.14
N ALA B 58 -18.96 22.70 -1.42
CA ALA B 58 -17.90 21.78 -1.02
C ALA B 58 -17.69 21.68 0.50
N HIS B 59 -16.88 20.71 0.89
CA HIS B 59 -16.46 20.58 2.27
C HIS B 59 -15.07 19.99 2.24
N TYR B 60 -14.07 20.82 2.44
CA TYR B 60 -12.71 20.33 2.43
C TYR B 60 -12.27 19.76 3.77
N SER B 61 -11.52 18.65 3.72
CA SER B 61 -10.86 18.13 4.90
C SER B 61 -9.90 19.22 5.35
N PRO B 62 -9.90 19.53 6.65
CA PRO B 62 -9.05 20.56 7.24
C PRO B 62 -7.55 20.32 7.03
N SER B 63 -7.17 19.37 6.20
CA SER B 63 -5.77 19.11 5.92
C SER B 63 -5.40 19.40 4.47
N PHE B 64 -6.39 19.75 3.66
CA PHE B 64 -6.16 19.99 2.24
C PHE B 64 -6.70 21.35 1.84
N GLU B 65 -7.58 21.90 2.68
CA GLU B 65 -8.06 23.27 2.53
C GLU B 65 -6.82 24.15 2.42
N GLY B 66 -6.66 24.81 1.27
CA GLY B 66 -5.52 25.68 1.06
C GLY B 66 -4.45 25.10 0.15
N GLN B 67 -4.33 23.76 0.13
CA GLN B 67 -3.33 23.13 -0.74
C GLN B 67 -3.98 22.38 -1.91
N VAL B 68 -5.29 22.21 -1.84
CA VAL B 68 -6.05 21.51 -2.87
C VAL B 68 -7.39 22.18 -3.19
N THR B 69 -7.83 22.01 -4.43
CA THR B 69 -9.03 22.68 -4.93
C THR B 69 -9.88 21.71 -5.71
N MET B 70 -11.16 21.61 -5.36
CA MET B 70 -12.13 20.74 -6.04
C MET B 70 -13.09 21.53 -6.92
N SER B 71 -13.24 21.10 -8.16
CA SER B 71 -14.20 21.74 -9.08
C SER B 71 -14.98 20.69 -9.85
N VAL B 72 -16.07 21.12 -10.50
CA VAL B 72 -16.84 20.22 -11.38
C VAL B 72 -17.17 20.92 -12.70
N ASP B 73 -17.22 20.14 -13.78
CA ASP B 73 -17.64 20.65 -15.08
C ASP B 73 -18.77 19.83 -15.68
N LYS B 74 -19.97 20.37 -15.62
CA LYS B 74 -21.19 19.57 -15.85
C LYS B 74 -21.38 19.06 -17.28
N SER B 75 -20.90 19.82 -18.26
CA SER B 75 -21.23 19.50 -19.63
C SER B 75 -20.51 18.24 -20.04
N ILE B 76 -19.42 17.95 -19.32
CA ILE B 76 -18.65 16.76 -19.61
C ILE B 76 -18.65 15.84 -18.40
N SER B 77 -19.51 16.17 -17.44
CA SER B 77 -19.78 15.33 -16.27
C SER B 77 -18.50 14.85 -15.66
N THR B 78 -17.61 15.77 -15.32
CA THR B 78 -16.28 15.40 -14.90
C THR B 78 -15.91 16.19 -13.69
N ALA B 79 -15.33 15.52 -12.69
CA ALA B 79 -14.97 16.21 -11.47
C ALA B 79 -13.48 16.30 -11.35
N TYR B 80 -13.04 17.39 -10.73
CA TYR B 80 -11.65 17.77 -10.72
C TYR B 80 -11.16 18.12 -9.33
N LEU B 81 -9.94 17.69 -9.06
CA LEU B 81 -9.21 18.14 -7.90
C LEU B 81 -7.93 18.69 -8.48
N GLN B 82 -7.46 19.82 -7.98
CA GLN B 82 -6.25 20.39 -8.49
C GLN B 82 -5.38 21.06 -7.44
N TRP B 83 -4.07 20.97 -7.65
CA TRP B 83 -3.06 21.66 -6.85
C TRP B 83 -2.47 22.84 -7.62
N THR B 84 -2.22 23.93 -6.94
CA THR B 84 -1.41 24.98 -7.54
C THR B 84 0.06 24.62 -7.39
N THR B 85 0.40 24.01 -6.25
CA THR B 85 1.78 23.64 -5.97
C THR B 85 1.90 22.33 -5.16
N LEU B 86 2.47 21.31 -5.82
CA LEU B 86 2.68 19.99 -5.22
C LEU B 86 3.78 19.97 -4.16
N GLN B 87 3.86 18.85 -3.43
CA GLN B 87 4.92 18.65 -2.45
C GLN B 87 4.93 17.17 -2.04
N ALA B 88 6.09 16.64 -1.68
CA ALA B 88 6.23 15.19 -1.48
C ALA B 88 5.09 14.54 -0.67
N SER B 89 4.48 15.28 0.24
CA SER B 89 3.36 14.72 1.00
C SER B 89 2.15 14.42 0.08
N ASP B 90 1.88 15.33 -0.86
CA ASP B 90 0.80 15.17 -1.82
C ASP B 90 0.86 13.86 -2.63
N THR B 91 1.88 13.05 -2.36
CA THR B 91 2.00 11.73 -2.97
C THR B 91 0.88 10.77 -2.50
N GLY B 92 0.53 9.81 -3.35
CA GLY B 92 -0.50 8.85 -3.02
C GLY B 92 -1.46 8.52 -4.17
N LYS B 93 -2.34 7.55 -3.95
CA LYS B 93 -3.31 7.13 -4.95
C LYS B 93 -4.64 7.81 -4.70
N TYR B 94 -5.03 8.67 -5.62
CA TYR B 94 -6.21 9.47 -5.45
C TYR B 94 -7.44 8.80 -6.03
N PHE B 95 -8.40 8.53 -5.17
CA PHE B 95 -9.65 7.91 -5.61
C PHE B 95 -10.74 8.93 -5.52
N CYS B 96 -11.51 9.05 -6.59
CA CYS B 96 -12.73 9.83 -6.49
C CYS B 96 -13.83 8.82 -6.35
N THR B 97 -14.88 9.22 -5.64
CA THR B 97 -15.99 8.33 -5.35
C THR B 97 -17.32 9.08 -5.53
N ARG B 98 -18.42 8.33 -5.52
CA ARG B 98 -19.74 8.91 -5.53
C ARG B 98 -20.49 8.62 -4.20
N LEU B 99 -20.93 9.67 -3.50
CA LEU B 99 -21.78 9.53 -2.30
C LEU B 99 -23.25 9.20 -2.64
N TYR B 100 -23.74 8.06 -2.16
CA TYR B 100 -25.12 7.66 -2.44
C TYR B 100 -26.11 7.95 -1.33
N LEU B 101 -27.19 8.61 -1.73
CA LEU B 101 -28.33 8.79 -0.87
C LEU B 101 -29.14 7.50 -0.88
N PHE B 102 -28.96 6.72 0.18
CA PHE B 102 -29.81 5.56 0.41
C PHE B 102 -31.12 6.02 1.02
N GLU B 103 -32.07 6.37 0.18
CA GLU B 103 -33.41 6.72 0.62
C GLU B 103 -34.01 5.48 1.25
N GLY B 104 -33.61 5.19 2.47
CA GLY B 104 -34.18 4.07 3.19
C GLY B 104 -35.39 4.64 3.89
N ALA B 105 -35.91 3.89 4.85
CA ALA B 105 -36.98 4.37 5.72
C ALA B 105 -36.52 5.63 6.44
N GLN B 106 -35.62 5.43 7.41
CA GLN B 106 -34.80 6.50 7.95
C GLN B 106 -33.57 6.55 7.04
N SER B 107 -33.36 7.69 6.38
CA SER B 107 -32.34 7.77 5.32
C SER B 107 -30.92 7.80 5.85
N SER B 108 -29.98 7.42 4.98
CA SER B 108 -28.55 7.45 5.29
C SER B 108 -27.77 7.62 4.02
N ASN B 109 -26.44 7.70 4.14
CA ASN B 109 -25.54 8.00 3.04
C ASN B 109 -24.27 7.12 3.05
N ALA B 110 -23.63 6.93 1.87
CA ALA B 110 -22.37 6.17 1.78
C ALA B 110 -21.79 6.07 0.35
N PHE B 111 -20.52 5.68 0.22
CA PHE B 111 -19.88 5.64 -1.10
C PHE B 111 -19.91 4.28 -1.85
N ASP B 112 -20.91 4.10 -2.70
CA ASP B 112 -21.09 2.81 -3.39
C ASP B 112 -20.26 2.67 -4.67
N LEU B 113 -19.80 3.80 -5.22
CA LEU B 113 -19.13 3.82 -6.53
C LEU B 113 -17.74 4.44 -6.40
N TRP B 114 -16.76 3.89 -7.10
CA TRP B 114 -15.37 4.36 -6.99
C TRP B 114 -14.60 4.33 -8.31
N GLY B 115 -13.85 5.39 -8.58
CA GLY B 115 -12.95 5.42 -9.72
C GLY B 115 -11.83 4.42 -9.49
N GLN B 116 -11.09 4.11 -10.55
CA GLN B 116 -10.00 3.16 -10.45
C GLN B 116 -8.83 3.73 -9.65
N GLY B 117 -8.83 5.05 -9.45
CA GLY B 117 -7.78 5.72 -8.73
C GLY B 117 -6.72 6.26 -9.67
N THR B 118 -6.27 7.48 -9.42
CA THR B 118 -5.15 8.02 -10.17
C THR B 118 -3.97 7.98 -9.23
N MET B 119 -2.84 7.46 -9.70
CA MET B 119 -1.64 7.39 -8.88
C MET B 119 -0.73 8.60 -9.11
N ILE B 120 -0.37 9.26 -8.02
CA ILE B 120 0.51 10.42 -8.08
C ILE B 120 1.79 10.16 -7.29
N LEU B 121 2.91 10.15 -7.99
CA LEU B 121 4.23 10.10 -7.34
C LEU B 121 4.92 11.48 -7.38
N VAL B 122 5.03 12.12 -6.21
CA VAL B 122 5.72 13.42 -6.09
C VAL B 122 7.16 13.27 -5.59
N SER B 123 8.12 13.50 -6.49
CA SER B 123 9.53 13.33 -6.15
C SER B 123 10.44 14.02 -7.17
N SER B 124 11.70 14.20 -6.80
CA SER B 124 12.66 14.88 -7.66
C SER B 124 13.61 13.92 -8.37
N GLY B 125 13.62 12.67 -7.93
CA GLY B 125 14.43 11.66 -8.58
C GLY B 125 14.35 11.84 -10.08
N THR B 126 15.44 11.50 -10.76
CA THR B 126 15.45 11.52 -12.21
C THR B 126 15.21 10.13 -12.77
N THR B 127 14.72 10.07 -13.99
CA THR B 127 14.68 8.81 -14.72
C THR B 127 16.10 8.32 -14.96
N LYS B 128 16.33 7.07 -14.63
CA LYS B 128 17.67 6.59 -14.39
C LYS B 128 17.65 5.06 -14.32
N GLY B 129 18.55 4.44 -15.12
CA GLY B 129 18.65 3.00 -15.22
C GLY B 129 19.53 2.42 -14.14
N PRO B 130 19.20 1.20 -13.68
CA PRO B 130 19.83 0.64 -12.49
C PRO B 130 21.28 0.21 -12.73
N SER B 131 22.08 0.27 -11.68
CA SER B 131 23.36 -0.37 -11.69
C SER B 131 23.06 -1.80 -11.24
N VAL B 132 23.98 -2.73 -11.44
CA VAL B 132 23.62 -4.14 -11.25
C VAL B 132 24.73 -4.99 -10.63
N PHE B 133 24.41 -5.66 -9.53
CA PHE B 133 25.43 -6.40 -8.80
C PHE B 133 25.09 -7.85 -8.54
N PRO B 134 25.99 -8.75 -8.95
CA PRO B 134 25.78 -10.16 -8.59
C PRO B 134 25.62 -10.32 -7.08
N LEU B 135 24.66 -11.14 -6.71
CA LEU B 135 24.58 -11.65 -5.37
C LEU B 135 25.05 -13.10 -5.41
N ALA B 136 26.37 -13.26 -5.31
CA ALA B 136 27.01 -14.56 -5.51
C ALA B 136 26.71 -15.56 -4.39
N PRO B 137 26.80 -16.86 -4.72
CA PRO B 137 26.46 -17.97 -3.81
C PRO B 137 27.60 -18.39 -2.87
N SER B 138 27.21 -18.96 -1.72
CA SER B 138 28.13 -19.46 -0.70
C SER B 138 27.37 -19.80 0.60
N GLY B 145 21.15 -28.71 0.14
CA GLY B 145 21.25 -29.19 -1.23
C GLY B 145 21.14 -28.09 -2.29
N THR B 146 20.64 -26.94 -1.85
CA THR B 146 20.39 -25.85 -2.77
C THR B 146 21.17 -24.60 -2.41
N ALA B 147 21.48 -23.81 -3.44
CA ALA B 147 22.18 -22.55 -3.22
C ALA B 147 21.34 -21.38 -3.73
N ALA B 148 21.59 -20.20 -3.18
CA ALA B 148 20.96 -18.98 -3.68
C ALA B 148 21.97 -17.99 -4.29
N LEU B 149 21.78 -17.69 -5.57
CA LEU B 149 22.45 -16.59 -6.23
C LEU B 149 21.39 -15.56 -6.65
N GLY B 150 21.78 -14.36 -7.02
CA GLY B 150 20.77 -13.40 -7.37
C GLY B 150 21.36 -12.06 -7.79
N CYS B 151 20.51 -11.17 -8.30
CA CYS B 151 20.98 -9.88 -8.78
C CYS B 151 20.53 -8.77 -7.89
N LEU B 152 21.46 -7.88 -7.56
CA LEU B 152 21.13 -6.67 -6.84
C LEU B 152 20.89 -5.63 -7.92
N VAL B 153 19.72 -5.01 -7.87
CA VAL B 153 19.29 -4.06 -8.86
C VAL B 153 19.12 -2.73 -8.15
N LYS B 154 20.11 -1.86 -8.31
CA LYS B 154 20.21 -0.74 -7.38
C LYS B 154 20.01 0.62 -8.01
N ASP B 155 19.37 1.50 -7.24
CA ASP B 155 19.31 2.92 -7.53
C ASP B 155 18.71 3.24 -8.90
N TYR B 156 17.43 2.99 -9.05
CA TYR B 156 16.77 3.34 -10.29
C TYR B 156 15.54 4.15 -9.98
N PHE B 157 15.08 4.92 -10.96
CA PHE B 157 13.83 5.68 -10.81
C PHE B 157 13.21 6.07 -12.13
N PRO B 158 11.92 5.83 -12.28
CA PRO B 158 10.98 5.16 -11.36
C PRO B 158 10.79 3.69 -11.70
N GLU B 159 9.78 3.04 -11.09
CA GLU B 159 9.46 1.63 -11.37
C GLU B 159 8.73 1.50 -12.70
N PRO B 160 8.77 0.30 -13.33
CA PRO B 160 9.40 -0.89 -12.80
C PRO B 160 10.55 -1.35 -13.66
N VAL B 161 11.44 -2.14 -13.08
CA VAL B 161 12.39 -2.89 -13.88
C VAL B 161 11.66 -4.17 -14.15
N THR B 162 12.16 -4.94 -15.11
CA THR B 162 11.70 -6.31 -15.32
C THR B 162 12.95 -7.19 -15.33
N VAL B 163 12.92 -8.28 -14.55
CA VAL B 163 14.06 -9.20 -14.50
C VAL B 163 13.66 -10.59 -14.95
N SER B 164 14.39 -11.10 -15.93
CA SER B 164 14.30 -12.49 -16.33
C SER B 164 15.68 -13.10 -16.11
N TRP B 165 15.81 -14.41 -16.33
CA TRP B 165 17.08 -15.09 -16.09
C TRP B 165 17.46 -16.03 -17.25
N ASN B 166 18.73 -16.00 -17.62
CA ASN B 166 19.21 -16.72 -18.78
C ASN B 166 18.41 -16.43 -20.06
N SER B 167 18.02 -15.15 -20.21
CA SER B 167 17.30 -14.66 -21.39
C SER B 167 15.82 -14.98 -21.32
N GLY B 168 15.46 -15.90 -20.44
CA GLY B 168 14.10 -16.41 -20.39
C GLY B 168 14.08 -17.94 -20.38
N ALA B 169 15.26 -18.53 -20.24
CA ALA B 169 15.40 -19.98 -20.16
C ALA B 169 15.11 -20.46 -18.74
N LEU B 170 15.37 -19.60 -17.79
CA LEU B 170 15.34 -19.95 -16.38
C LEU B 170 14.19 -19.24 -15.70
N THR B 171 13.14 -19.99 -15.38
CA THR B 171 11.92 -19.39 -14.81
C THR B 171 11.58 -20.03 -13.48
N SER B 172 12.35 -21.08 -13.16
CA SER B 172 12.10 -21.96 -12.02
C SER B 172 13.16 -21.74 -10.92
N GLY B 173 12.68 -21.41 -9.73
CA GLY B 173 13.54 -21.10 -8.60
C GLY B 173 13.71 -19.62 -8.42
N VAL B 174 13.18 -18.86 -9.37
CA VAL B 174 13.41 -17.41 -9.42
C VAL B 174 12.44 -16.62 -8.56
N HIS B 175 12.98 -15.91 -7.57
CA HIS B 175 12.14 -15.04 -6.77
C HIS B 175 12.57 -13.60 -6.97
N THR B 176 11.72 -12.81 -7.62
CA THR B 176 12.04 -11.40 -7.81
C THR B 176 11.27 -10.58 -6.79
N PHE B 177 11.99 -10.08 -5.79
CA PHE B 177 11.39 -9.34 -4.70
C PHE B 177 10.93 -7.98 -5.13
N PRO B 178 9.89 -7.47 -4.46
CA PRO B 178 9.50 -6.06 -4.60
C PRO B 178 10.67 -5.14 -4.26
N ALA B 179 10.57 -3.88 -4.70
CA ALA B 179 11.65 -2.92 -4.53
C ALA B 179 11.40 -1.99 -3.35
N VAL B 180 12.48 -1.56 -2.71
CA VAL B 180 12.38 -0.54 -1.67
C VAL B 180 12.45 0.83 -2.31
N LEU B 181 11.96 1.82 -1.59
CA LEU B 181 12.24 3.19 -1.91
C LEU B 181 13.24 3.68 -0.88
N GLN B 182 14.51 3.76 -1.26
CA GLN B 182 15.57 4.20 -0.36
C GLN B 182 15.49 5.71 -0.15
N SER B 183 16.22 6.21 0.85
CA SER B 183 16.00 7.58 1.32
C SER B 183 16.36 8.63 0.27
N SER B 184 17.15 8.21 -0.70
CA SER B 184 17.58 9.08 -1.78
C SER B 184 16.39 9.44 -2.66
N GLY B 185 15.35 8.61 -2.61
CA GLY B 185 14.21 8.80 -3.48
C GLY B 185 14.32 7.88 -4.67
N LEU B 186 15.28 6.94 -4.60
CA LEU B 186 15.49 5.95 -5.65
C LEU B 186 15.13 4.51 -5.22
N TYR B 187 15.08 3.58 -6.17
CA TYR B 187 14.61 2.24 -5.89
C TYR B 187 15.67 1.17 -6.04
N SER B 188 15.51 0.10 -5.27
CA SER B 188 16.30 -1.10 -5.46
C SER B 188 15.45 -2.33 -5.19
N LEU B 189 15.58 -3.34 -6.04
CA LEU B 189 14.97 -4.62 -5.77
C LEU B 189 16.05 -5.67 -5.94
N SER B 190 15.75 -6.91 -5.57
CA SER B 190 16.68 -8.00 -5.82
C SER B 190 15.94 -9.15 -6.45
N SER B 191 16.65 -9.95 -7.21
CA SER B 191 16.05 -11.14 -7.74
C SER B 191 16.98 -12.32 -7.56
N VAL B 192 16.55 -13.25 -6.71
CA VAL B 192 17.35 -14.41 -6.38
C VAL B 192 16.80 -15.65 -7.10
N VAL B 193 17.68 -16.49 -7.61
CA VAL B 193 17.29 -17.81 -8.08
C VAL B 193 17.76 -18.78 -7.00
N THR B 194 16.96 -19.80 -6.71
CA THR B 194 17.47 -20.95 -5.92
C THR B 194 17.80 -22.16 -6.81
N VAL B 195 19.06 -22.59 -6.77
CA VAL B 195 19.54 -23.62 -7.67
C VAL B 195 20.22 -24.74 -6.90
N PRO B 196 20.41 -25.89 -7.56
CA PRO B 196 21.22 -26.97 -6.97
C PRO B 196 22.67 -26.51 -6.82
N SER B 197 23.34 -26.99 -5.78
CA SER B 197 24.75 -26.72 -5.59
C SER B 197 25.58 -27.33 -6.70
N SER B 198 25.41 -28.64 -6.92
CA SER B 198 26.20 -29.40 -7.91
C SER B 198 26.26 -28.74 -9.27
N SER B 199 25.09 -28.31 -9.75
CA SER B 199 24.99 -27.67 -11.05
C SER B 199 25.29 -26.18 -10.94
N LEU B 200 26.47 -25.86 -10.44
CA LEU B 200 26.88 -24.45 -10.24
C LEU B 200 28.07 -24.10 -11.09
N GLY B 201 29.10 -24.94 -11.04
CA GLY B 201 30.21 -24.80 -11.96
C GLY B 201 29.72 -25.16 -13.36
N THR B 202 28.59 -25.86 -13.42
CA THR B 202 28.02 -26.32 -14.67
C THR B 202 27.18 -25.23 -15.33
N GLN B 203 25.92 -25.12 -14.91
CA GLN B 203 24.99 -24.17 -15.49
C GLN B 203 25.54 -22.76 -15.36
N THR B 204 25.29 -21.93 -16.37
CA THR B 204 25.63 -20.50 -16.28
C THR B 204 24.38 -19.72 -15.91
N TYR B 205 24.55 -18.67 -15.11
CA TYR B 205 23.42 -17.92 -14.54
C TYR B 205 23.53 -16.42 -14.83
N ILE B 206 22.70 -15.94 -15.75
CA ILE B 206 22.74 -14.56 -16.19
C ILE B 206 21.39 -13.89 -15.99
N CYS B 207 21.37 -12.78 -15.27
CA CYS B 207 20.13 -12.05 -15.07
C CYS B 207 20.05 -10.85 -16.00
N ASN B 208 18.87 -10.63 -16.57
CA ASN B 208 18.61 -9.54 -17.49
C ASN B 208 17.70 -8.52 -16.85
N VAL B 209 18.09 -7.26 -16.88
CA VAL B 209 17.34 -6.24 -16.17
C VAL B 209 16.98 -5.05 -17.05
N ASN B 210 15.76 -5.07 -17.59
CA ASN B 210 15.23 -4.01 -18.45
C ASN B 210 14.53 -2.96 -17.61
N HIS B 211 14.84 -1.69 -17.85
CA HIS B 211 14.12 -0.59 -17.22
C HIS B 211 13.67 0.42 -18.25
N LYS B 212 12.51 0.17 -18.86
CA LYS B 212 12.04 0.94 -20.01
C LYS B 212 12.12 2.44 -19.85
N PRO B 213 11.77 2.96 -18.68
CA PRO B 213 11.86 4.42 -18.47
C PRO B 213 13.14 5.06 -19.02
N SER B 214 14.28 4.37 -18.92
CA SER B 214 15.57 4.89 -19.34
C SER B 214 16.10 4.02 -20.45
N ASN B 215 15.23 3.21 -21.03
CA ASN B 215 15.65 2.21 -21.99
C ASN B 215 17.03 1.66 -21.66
N THR B 216 17.09 0.87 -20.60
CA THR B 216 18.34 0.32 -20.11
C THR B 216 18.18 -1.17 -19.98
N LYS B 217 19.01 -1.92 -20.71
CA LYS B 217 19.08 -3.38 -20.55
C LYS B 217 20.47 -3.75 -20.07
N VAL B 218 20.54 -4.63 -19.08
CA VAL B 218 21.80 -5.06 -18.55
C VAL B 218 21.79 -6.57 -18.40
N ASP B 219 22.90 -7.20 -18.77
CA ASP B 219 23.07 -8.62 -18.54
C ASP B 219 24.24 -8.83 -17.57
N LYS B 220 24.00 -9.61 -16.52
CA LYS B 220 25.01 -9.84 -15.49
C LYS B 220 25.19 -11.32 -15.13
N LYS B 221 26.35 -11.89 -15.44
CA LYS B 221 26.70 -13.26 -15.09
C LYS B 221 27.03 -13.38 -13.59
N VAL B 222 26.33 -14.27 -12.89
CA VAL B 222 26.60 -14.44 -11.47
C VAL B 222 27.58 -15.58 -11.22
N GLU B 223 28.82 -15.21 -10.93
CA GLU B 223 29.89 -16.15 -10.65
C GLU B 223 30.10 -16.38 -9.16
N PRO B 224 30.14 -17.65 -8.76
CA PRO B 224 30.54 -18.01 -7.39
C PRO B 224 31.81 -17.28 -7.03
N LYS B 225 31.98 -16.94 -5.76
CA LYS B 225 33.18 -16.24 -5.31
C LYS B 225 34.24 -17.23 -4.82
N SER B 226 35.43 -16.71 -4.52
CA SER B 226 36.49 -17.46 -3.87
C SER B 226 37.78 -16.65 -3.77
N THR C 3 -33.28 17.88 -1.11
CA THR C 3 -33.61 16.51 -0.74
C THR C 3 -32.58 15.52 -1.30
N ARG C 4 -32.30 15.62 -2.59
CA ARG C 4 -31.30 14.78 -3.20
C ARG C 4 -29.91 15.26 -2.81
N LYS C 5 -29.85 16.27 -1.94
CA LYS C 5 -28.58 16.84 -1.53
C LYS C 5 -28.28 16.52 -0.06
N SER C 6 -29.33 16.26 0.71
CA SER C 6 -29.19 15.94 2.12
C SER C 6 -28.19 14.80 2.42
N ILE C 7 -27.62 14.86 3.62
CA ILE C 7 -26.69 13.84 4.10
C ILE C 7 -27.00 13.61 5.57
N ARG C 8 -27.45 12.40 5.89
CA ARG C 8 -27.71 12.01 7.27
C ARG C 8 -26.46 11.47 7.96
N ILE C 9 -25.86 12.31 8.82
CA ILE C 9 -24.75 11.91 9.65
C ILE C 9 -25.09 10.62 10.39
N GLY C 10 -26.24 10.66 11.07
CA GLY C 10 -26.63 9.59 11.96
C GLY C 10 -28.07 9.76 12.40
N PRO C 11 -28.45 9.07 13.46
CA PRO C 11 -29.84 8.96 13.90
C PRO C 11 -30.36 10.24 14.55
N GLY C 12 -31.25 10.94 13.86
CA GLY C 12 -31.83 12.15 14.41
C GLY C 12 -31.31 13.45 13.81
N GLN C 13 -30.04 13.47 13.42
CA GLN C 13 -29.47 14.66 12.77
C GLN C 13 -29.57 14.58 11.24
N ALA C 14 -30.20 15.60 10.67
CA ALA C 14 -30.44 15.67 9.23
C ALA C 14 -29.88 16.96 8.63
N PHE C 15 -29.40 16.88 7.40
CA PHE C 15 -28.81 18.04 6.73
C PHE C 15 -29.46 18.40 5.39
N TYR C 16 -29.14 19.60 4.90
CA TYR C 16 -29.77 20.13 3.69
C TYR C 16 -31.26 19.81 3.64
#